data_9ILR
#
_entry.id   9ILR
#
_cell.length_a   67.220
_cell.length_b   67.220
_cell.length_c   185.030
_cell.angle_alpha   90.000
_cell.angle_beta   90.000
_cell.angle_gamma   90.000
#
_symmetry.space_group_name_H-M   'P 43 21 2'
#
loop_
_entity.id
_entity.type
_entity.pdbx_description
1 polymer N-acetyltransferase
2 polymer 'DUF1778 domain-containing protein'
3 non-polymer 'ACETYL COENZYME *A'
4 non-polymer 'PHOSPHATE ION'
5 water water
#
loop_
_entity_poly.entity_id
_entity_poly.type
_entity_poly.pdbx_seq_one_letter_code
_entity_poly.pdbx_strand_id
1 'polypeptide(L)'
;MEINVTAPALLTDEHILQPFDCGNEVLSNWLRGRAMKNQMLNASRTFVICLEDTLRIVGYYSLATGSVTHAELGRSLRHN
MPNPVPVVLLGRLAVDVCTRGHGFGKWLLSDAIHRVVNLADQVGIKAVMVHAIDDDARAFYERFGFVQSVVAPNTLFYKV
LEHHHHHH
;
A
2 'polypeptide(L)' MASQRLFVLDNERYDSFITQLEAPVQNAEGRERLMAVKPEWK B
#
loop_
_chem_comp.id
_chem_comp.type
_chem_comp.name
_chem_comp.formula
ACO non-polymer 'ACETYL COENZYME *A' 'C23 H38 N7 O17 P3 S'
PO4 non-polymer 'PHOSPHATE ION' 'O4 P -3'
#
# COMPACT_ATOMS: atom_id res chain seq x y z
N MET A 1 -8.11 -20.14 -16.17
CA MET A 1 -6.92 -20.98 -16.13
C MET A 1 -6.23 -20.84 -14.79
N GLU A 2 -5.57 -21.91 -14.33
CA GLU A 2 -4.76 -21.83 -13.12
C GLU A 2 -3.49 -21.04 -13.44
N ILE A 3 -3.34 -19.90 -12.78
CA ILE A 3 -2.19 -19.01 -12.96
C ILE A 3 -1.41 -19.02 -11.66
N ASN A 4 -0.10 -19.26 -11.75
CA ASN A 4 0.76 -19.29 -10.58
C ASN A 4 1.73 -18.11 -10.61
N VAL A 5 1.99 -17.53 -9.44
CA VAL A 5 2.82 -16.34 -9.35
C VAL A 5 3.86 -16.51 -8.27
N THR A 6 5.00 -15.84 -8.48
CA THR A 6 6.12 -15.87 -7.55
C THR A 6 5.87 -14.92 -6.38
N ALA A 7 6.56 -15.19 -5.28
CA ALA A 7 6.41 -14.36 -4.09
C ALA A 7 6.88 -12.94 -4.37
N PRO A 8 6.27 -11.96 -3.69
CA PRO A 8 6.66 -10.54 -3.88
C PRO A 8 8.14 -10.33 -3.60
N ALA A 9 8.79 -9.65 -4.53
CA ALA A 9 10.23 -9.49 -4.55
C ALA A 9 10.50 -8.08 -5.04
N LEU A 10 11.64 -7.53 -4.61
CA LEU A 10 11.99 -6.18 -5.01
C LEU A 10 12.18 -6.13 -6.50
N LEU A 11 11.67 -5.07 -7.10
CA LEU A 11 11.83 -4.85 -8.53
C LEU A 11 13.31 -4.63 -8.84
N THR A 12 13.80 -5.32 -9.85
CA THR A 12 15.17 -5.11 -10.35
C THR A 12 15.11 -4.72 -11.83
N ASP A 13 16.30 -4.55 -12.40
CA ASP A 13 16.41 -4.23 -13.82
C ASP A 13 16.14 -5.42 -14.73
N GLU A 14 16.12 -6.64 -14.21
CA GLU A 14 15.89 -7.82 -15.03
C GLU A 14 14.40 -8.12 -15.26
N HIS A 15 13.51 -7.52 -14.47
CA HIS A 15 12.08 -7.75 -14.60
C HIS A 15 11.55 -7.11 -15.88
N ILE A 16 10.54 -7.73 -16.45
CA ILE A 16 9.96 -7.29 -17.71
C ILE A 16 8.67 -6.52 -17.40
N LEU A 17 8.64 -5.25 -17.81
CA LEU A 17 7.63 -4.30 -17.35
C LEU A 17 6.64 -3.92 -18.42
N GLN A 18 7.05 -4.00 -19.70
CA GLN A 18 6.18 -3.52 -20.79
C GLN A 18 4.85 -4.25 -20.86
N PRO A 19 4.78 -5.57 -20.74
CA PRO A 19 3.47 -6.23 -20.86
C PRO A 19 2.45 -5.76 -19.83
N PHE A 20 2.88 -5.23 -18.67
CA PHE A 20 1.96 -4.99 -17.56
C PHE A 20 0.86 -4.00 -17.94
N ASP A 21 -0.37 -4.36 -17.60
CA ASP A 21 -1.52 -3.50 -17.86
C ASP A 21 -2.58 -3.78 -16.81
N CYS A 22 -2.90 -2.76 -16.02
CA CYS A 22 -3.92 -2.91 -14.98
C CYS A 22 -5.20 -2.16 -15.32
N GLY A 23 -5.29 -1.55 -16.50
CA GLY A 23 -6.45 -0.77 -16.88
C GLY A 23 -6.42 0.68 -16.42
N ASN A 24 -5.33 1.12 -15.79
CA ASN A 24 -5.19 2.47 -15.26
C ASN A 24 -3.80 2.97 -15.69
N GLU A 25 -3.78 3.92 -16.63
CA GLU A 25 -2.53 4.33 -17.26
C GLU A 25 -1.53 4.94 -16.29
N VAL A 26 -2.01 5.62 -15.24
CA VAL A 26 -1.05 6.27 -14.34
C VAL A 26 -0.30 5.22 -13.52
N LEU A 27 -0.96 4.09 -13.20
CA LEU A 27 -0.32 3.02 -12.43
C LEU A 27 0.63 2.19 -13.28
N SER A 28 0.26 1.88 -14.53
CA SER A 28 1.17 1.18 -15.44
C SER A 28 2.35 2.07 -15.81
N ASN A 29 2.09 3.35 -16.09
CA ASN A 29 3.19 4.26 -16.42
C ASN A 29 4.12 4.46 -15.24
N TRP A 30 3.57 4.50 -14.03
CA TRP A 30 4.44 4.66 -12.86
C TRP A 30 5.41 3.49 -12.77
N LEU A 31 4.90 2.26 -12.94
CA LEU A 31 5.76 1.09 -12.91
C LEU A 31 6.90 1.20 -13.91
N ARG A 32 6.61 1.69 -15.11
CA ARG A 32 7.64 1.71 -16.15
C ARG A 32 8.54 2.93 -16.06
N GLY A 33 8.00 4.07 -15.61
CA GLY A 33 8.76 5.31 -15.71
C GLY A 33 9.41 5.78 -14.42
N ARG A 34 8.82 5.44 -13.27
CA ARG A 34 9.31 5.97 -12.00
C ARG A 34 9.72 4.91 -10.99
N ALA A 35 9.23 3.67 -11.10
CA ALA A 35 9.48 2.68 -10.07
C ALA A 35 10.98 2.42 -9.87
N MET A 36 11.71 2.13 -10.96
CA MET A 36 13.12 1.77 -10.79
C MET A 36 13.97 2.97 -10.40
N LYS A 37 13.58 4.16 -10.85
CA LYS A 37 14.27 5.37 -10.39
C LYS A 37 14.14 5.56 -8.88
N ASN A 38 12.91 5.52 -8.36
CA ASN A 38 12.69 5.60 -6.91
C ASN A 38 13.43 4.49 -6.17
N GLN A 39 13.52 3.30 -6.78
CA GLN A 39 14.20 2.18 -6.15
C GLN A 39 15.68 2.46 -5.96
N MET A 40 16.31 3.09 -6.96
CA MET A 40 17.74 3.39 -6.88
C MET A 40 18.05 4.65 -6.09
N LEU A 41 17.09 5.55 -5.92
CA LEU A 41 17.24 6.68 -5.01
C LEU A 41 16.89 6.36 -3.56
N ASN A 42 16.54 5.12 -3.24
CA ASN A 42 15.98 4.76 -1.94
C ASN A 42 14.82 5.67 -1.54
N ALA A 43 14.02 6.12 -2.51
CA ALA A 43 12.83 6.89 -2.19
C ALA A 43 11.65 5.97 -1.87
N SER A 44 11.63 4.80 -2.49
CA SER A 44 10.53 3.85 -2.38
C SER A 44 11.11 2.46 -2.48
N ARG A 45 10.32 1.49 -2.05
CA ARG A 45 10.59 0.09 -2.31
C ARG A 45 9.39 -0.47 -3.05
N THR A 46 9.59 -0.93 -4.28
CA THR A 46 8.58 -1.52 -5.13
C THR A 46 8.75 -3.04 -5.13
N PHE A 47 7.68 -3.73 -4.77
CA PHE A 47 7.62 -5.18 -4.77
C PHE A 47 6.71 -5.66 -5.91
N VAL A 48 7.15 -6.67 -6.63
CA VAL A 48 6.46 -7.21 -7.79
C VAL A 48 6.23 -8.69 -7.65
N ILE A 49 5.15 -9.17 -8.27
CA ILE A 49 4.94 -10.60 -8.44
C ILE A 49 4.96 -10.91 -9.93
N CYS A 50 5.43 -12.11 -10.24
CA CYS A 50 5.67 -12.51 -11.61
C CYS A 50 5.01 -13.84 -11.87
N LEU A 51 4.62 -14.05 -13.13
CA LEU A 51 4.25 -15.37 -13.60
C LEU A 51 5.36 -16.35 -13.25
N GLU A 52 4.97 -17.47 -12.66
CA GLU A 52 5.93 -18.50 -12.27
C GLU A 52 6.86 -18.84 -13.42
N ASP A 53 8.17 -18.82 -13.15
CA ASP A 53 9.24 -19.15 -14.07
C ASP A 53 9.43 -18.10 -15.16
N THR A 54 9.03 -16.86 -14.89
CA THR A 54 9.32 -15.74 -15.76
C THR A 54 9.71 -14.56 -14.90
N LEU A 55 10.13 -13.49 -15.56
CA LEU A 55 10.25 -12.18 -14.94
C LEU A 55 9.15 -11.23 -15.42
N ARG A 56 8.06 -11.80 -15.97
CA ARG A 56 6.89 -11.06 -16.44
C ARG A 56 6.07 -10.62 -15.23
N ILE A 57 6.09 -9.33 -14.92
CA ILE A 57 5.31 -8.83 -13.78
C ILE A 57 3.82 -8.82 -14.09
N VAL A 58 3.03 -9.40 -13.18
CA VAL A 58 1.58 -9.35 -13.24
C VAL A 58 0.98 -8.62 -12.05
N GLY A 59 1.80 -8.14 -11.11
CA GLY A 59 1.33 -7.41 -9.95
C GLY A 59 2.46 -6.65 -9.29
N TYR A 60 2.14 -5.54 -8.62
CA TYR A 60 3.14 -4.82 -7.85
C TYR A 60 2.48 -3.95 -6.79
N TYR A 61 3.27 -3.56 -5.79
CA TYR A 61 2.91 -2.53 -4.85
C TYR A 61 4.15 -1.77 -4.43
N SER A 62 3.95 -0.54 -3.96
CA SER A 62 5.04 0.35 -3.59
C SER A 62 4.86 0.83 -2.15
N LEU A 63 5.97 0.93 -1.43
CA LEU A 63 6.01 1.38 -0.05
C LEU A 63 6.99 2.53 0.10
N ALA A 64 6.61 3.50 0.91
CA ALA A 64 7.43 4.65 1.22
C ALA A 64 7.00 5.15 2.58
N THR A 65 7.92 5.82 3.29
CA THR A 65 7.60 6.44 4.56
C THR A 65 6.93 7.79 4.32
N GLY A 66 6.11 8.21 5.28
CA GLY A 66 5.47 9.50 5.19
C GLY A 66 5.22 10.08 6.57
N SER A 67 4.81 11.34 6.55
CA SER A 67 4.61 12.09 7.79
C SER A 67 3.36 12.93 7.71
N VAL A 68 2.66 13.03 8.84
CA VAL A 68 1.54 13.95 9.00
C VAL A 68 1.90 14.92 10.13
N THR A 69 1.98 16.21 9.80
CA THR A 69 2.30 17.21 10.81
C THR A 69 1.23 18.32 10.77
N HIS A 70 1.34 19.30 11.68
CA HIS A 70 0.35 20.35 11.81
C HIS A 70 0.95 21.69 11.37
N ALA A 71 0.11 22.74 11.47
CA ALA A 71 0.41 24.04 10.86
C ALA A 71 1.72 24.65 11.35
N GLU A 72 2.16 24.33 12.57
CA GLU A 72 3.36 24.95 13.14
C GLU A 72 4.59 24.08 12.90
N LEU A 73 5.72 24.43 13.52
CA LEU A 73 6.98 23.69 13.32
C LEU A 73 6.85 22.22 13.71
N PRO A 82 4.83 13.02 19.00
CA PRO A 82 5.65 13.00 17.76
C PRO A 82 5.33 14.18 16.83
N ASN A 83 6.29 15.08 16.57
CA ASN A 83 5.99 16.32 15.84
C ASN A 83 5.39 16.03 14.47
N PRO A 84 6.02 15.24 13.57
CA PRO A 84 5.22 14.55 12.55
C PRO A 84 4.89 13.13 13.02
N VAL A 85 3.65 12.70 12.91
CA VAL A 85 3.33 11.30 13.17
C VAL A 85 3.86 10.46 12.00
N PRO A 86 4.53 9.34 12.28
CA PRO A 86 5.15 8.54 11.20
C PRO A 86 4.17 7.52 10.63
N VAL A 87 4.04 7.51 9.31
CA VAL A 87 3.17 6.57 8.61
C VAL A 87 3.99 5.91 7.50
N VAL A 88 3.43 4.83 6.96
CA VAL A 88 3.95 4.24 5.73
C VAL A 88 2.87 4.40 4.65
N LEU A 89 3.26 4.99 3.53
CA LEU A 89 2.40 5.17 2.39
C LEU A 89 2.48 3.94 1.49
N LEU A 90 1.37 3.23 1.37
CA LEU A 90 1.20 2.20 0.35
C LEU A 90 0.64 2.94 -0.85
N GLY A 91 1.53 3.42 -1.72
CA GLY A 91 1.16 4.40 -2.71
C GLY A 91 0.59 3.84 -3.99
N ARG A 92 0.87 2.57 -4.30
CA ARG A 92 0.37 1.95 -5.52
C ARG A 92 0.18 0.49 -5.22
N LEU A 93 -0.87 -0.10 -5.77
CA LEU A 93 -1.09 -1.53 -5.72
C LEU A 93 -2.00 -1.87 -6.89
N ALA A 94 -1.58 -2.84 -7.70
CA ALA A 94 -2.22 -3.09 -8.98
C ALA A 94 -1.94 -4.53 -9.40
N VAL A 95 -2.96 -5.16 -9.97
CA VAL A 95 -2.85 -6.49 -10.56
C VAL A 95 -3.14 -6.37 -12.05
N ASP A 96 -2.40 -7.14 -12.85
CA ASP A 96 -2.61 -7.12 -14.29
C ASP A 96 -4.05 -7.50 -14.66
N VAL A 97 -4.60 -6.76 -15.62
CA VAL A 97 -5.93 -7.04 -16.18
C VAL A 97 -6.11 -8.53 -16.49
N CYS A 98 -5.10 -9.17 -17.05
CA CYS A 98 -5.17 -10.57 -17.44
C CYS A 98 -5.17 -11.53 -16.27
N THR A 99 -5.02 -11.05 -15.04
CA THR A 99 -4.88 -11.96 -13.91
C THR A 99 -5.82 -11.58 -12.76
N ARG A 100 -6.91 -10.87 -13.07
CA ARG A 100 -7.91 -10.52 -12.09
C ARG A 100 -8.72 -11.74 -11.68
N GLY A 101 -9.20 -11.72 -10.44
CA GLY A 101 -10.09 -12.73 -9.93
C GLY A 101 -9.42 -13.93 -9.32
N HIS A 102 -8.10 -13.96 -9.24
CA HIS A 102 -7.40 -15.11 -8.71
C HIS A 102 -6.93 -14.91 -7.27
N GLY A 103 -7.27 -13.78 -6.64
CA GLY A 103 -6.87 -13.51 -5.27
C GLY A 103 -5.53 -12.83 -5.13
N PHE A 104 -4.85 -12.53 -6.24
CA PHE A 104 -3.55 -11.88 -6.19
C PHE A 104 -3.64 -10.50 -5.56
N GLY A 105 -4.79 -9.83 -5.72
CA GLY A 105 -4.97 -8.51 -5.13
C GLY A 105 -4.96 -8.56 -3.62
N LYS A 106 -5.78 -9.41 -3.04
CA LYS A 106 -5.73 -9.53 -1.60
C LYS A 106 -4.43 -10.18 -1.12
N TRP A 107 -3.79 -11.02 -1.93
CA TRP A 107 -2.49 -11.54 -1.54
C TRP A 107 -1.45 -10.43 -1.44
N LEU A 108 -1.35 -9.62 -2.49
CA LEU A 108 -0.44 -8.48 -2.46
C LEU A 108 -0.69 -7.62 -1.22
N LEU A 109 -1.96 -7.29 -0.96
CA LEU A 109 -2.27 -6.43 0.16
C LEU A 109 -1.92 -7.09 1.48
N SER A 110 -2.15 -8.39 1.59
CA SER A 110 -1.76 -9.08 2.81
C SER A 110 -0.24 -9.03 2.98
N ASP A 111 0.52 -9.28 1.92
CA ASP A 111 1.97 -9.20 2.01
C ASP A 111 2.42 -7.80 2.42
N ALA A 112 1.88 -6.76 1.76
CA ALA A 112 2.28 -5.39 2.09
C ALA A 112 2.01 -5.06 3.55
N ILE A 113 0.84 -5.45 4.08
CA ILE A 113 0.54 -5.11 5.46
C ILE A 113 1.41 -5.90 6.42
N HIS A 114 1.62 -7.19 6.14
CA HIS A 114 2.51 -7.98 6.96
C HIS A 114 3.93 -7.41 6.94
N ARG A 115 4.40 -6.98 5.76
CA ARG A 115 5.70 -6.32 5.67
C ARG A 115 5.75 -5.08 6.54
N VAL A 116 4.67 -4.28 6.56
CA VAL A 116 4.69 -3.07 7.36
C VAL A 116 4.62 -3.39 8.84
N VAL A 117 3.87 -4.41 9.24
CA VAL A 117 3.75 -4.72 10.66
C VAL A 117 5.11 -5.11 11.24
N ASN A 118 5.85 -5.98 10.55
CA ASN A 118 7.17 -6.39 11.02
C ASN A 118 8.14 -5.22 10.96
N LEU A 119 8.06 -4.45 9.88
CA LEU A 119 8.68 -3.15 9.81
C LEU A 119 8.49 -2.32 11.08
N ALA A 120 7.25 -2.29 11.61
CA ALA A 120 6.96 -1.38 12.72
C ALA A 120 7.54 -1.87 14.04
N ASP A 121 8.11 -3.07 14.06
CA ASP A 121 8.91 -3.51 15.19
C ASP A 121 10.32 -2.92 15.15
N GLN A 122 10.76 -2.41 14.00
CA GLN A 122 12.10 -1.85 13.88
C GLN A 122 12.09 -0.34 14.11
N VAL A 123 11.11 0.39 13.58
CA VAL A 123 10.93 1.81 13.80
C VAL A 123 9.48 2.06 14.18
N GLY A 124 9.21 3.23 14.71
CA GLY A 124 7.85 3.61 15.03
C GLY A 124 7.07 3.93 13.77
N ILE A 125 5.95 3.23 13.54
CA ILE A 125 5.01 3.49 12.45
C ILE A 125 3.61 3.49 13.03
N LYS A 126 2.86 4.56 12.80
CA LYS A 126 1.54 4.59 13.42
C LYS A 126 0.43 4.06 12.52
N ALA A 127 0.60 4.09 11.20
CA ALA A 127 -0.44 3.56 10.32
C ALA A 127 0.08 3.41 8.89
N VAL A 128 -0.67 2.63 8.09
CA VAL A 128 -0.50 2.57 6.65
C VAL A 128 -1.55 3.44 6.00
N MET A 129 -1.14 4.30 5.08
CA MET A 129 -2.09 5.14 4.38
C MET A 129 -2.11 4.78 2.89
N VAL A 130 -3.31 4.76 2.33
CA VAL A 130 -3.54 4.52 0.90
C VAL A 130 -4.37 5.65 0.34
N HIS A 131 -4.25 5.84 -0.96
N HIS A 131 -4.24 5.84 -0.96
CA HIS A 131 -5.04 6.80 -1.70
CA HIS A 131 -5.03 6.80 -1.71
C HIS A 131 -5.88 6.04 -2.71
C HIS A 131 -5.88 6.02 -2.71
N ALA A 132 -7.19 5.95 -2.46
CA ALA A 132 -8.13 5.29 -3.36
C ALA A 132 -8.54 6.27 -4.46
N ILE A 133 -8.01 6.08 -5.67
CA ILE A 133 -8.33 6.99 -6.77
C ILE A 133 -9.79 6.88 -7.17
N ASP A 134 -10.37 5.69 -7.04
CA ASP A 134 -11.72 5.44 -7.54
C ASP A 134 -12.52 4.68 -6.49
N ASP A 135 -13.81 4.53 -6.76
CA ASP A 135 -14.69 3.92 -5.77
C ASP A 135 -14.44 2.42 -5.62
N ASP A 136 -13.98 1.74 -6.69
CA ASP A 136 -13.67 0.32 -6.59
C ASP A 136 -12.41 0.09 -5.74
N ALA A 137 -11.43 0.96 -5.92
CA ALA A 137 -10.27 1.03 -5.02
C ALA A 137 -10.73 1.13 -3.59
N ARG A 138 -11.55 2.13 -3.29
CA ARG A 138 -12.06 2.32 -1.94
C ARG A 138 -12.74 1.06 -1.45
N ALA A 139 -13.56 0.44 -2.30
CA ALA A 139 -14.29 -0.74 -1.83
C ALA A 139 -13.32 -1.86 -1.48
N PHE A 140 -12.28 -2.03 -2.29
CA PHE A 140 -11.28 -3.06 -2.00
C PHE A 140 -10.57 -2.79 -0.68
N TYR A 141 -10.03 -1.59 -0.52
CA TYR A 141 -9.34 -1.25 0.71
C TYR A 141 -10.23 -1.38 1.93
N GLU A 142 -11.47 -0.89 1.84
CA GLU A 142 -12.39 -0.97 2.97
C GLU A 142 -12.79 -2.41 3.28
N ARG A 143 -12.87 -3.26 2.26
CA ARG A 143 -13.13 -4.67 2.51
C ARG A 143 -12.04 -5.31 3.38
N PHE A 144 -10.84 -4.76 3.39
CA PHE A 144 -9.74 -5.41 4.09
C PHE A 144 -9.19 -4.57 5.22
N GLY A 145 -10.02 -3.70 5.80
CA GLY A 145 -9.67 -3.11 7.07
C GLY A 145 -9.32 -1.64 7.05
N PHE A 146 -9.21 -1.01 5.90
CA PHE A 146 -8.92 0.42 5.87
C PHE A 146 -10.13 1.24 6.32
N VAL A 147 -9.87 2.49 6.71
CA VAL A 147 -10.81 3.43 7.30
C VAL A 147 -10.60 4.80 6.67
N GLN A 148 -11.71 5.52 6.40
CA GLN A 148 -11.59 6.90 5.95
C GLN A 148 -10.76 7.71 6.93
N SER A 149 -9.88 8.53 6.39
CA SER A 149 -9.05 9.42 7.17
C SER A 149 -9.50 10.86 7.03
N VAL A 150 -9.17 11.70 8.02
CA VAL A 150 -9.43 13.13 7.89
C VAL A 150 -8.34 13.88 7.15
N VAL A 151 -7.29 13.21 6.67
CA VAL A 151 -6.21 13.98 6.05
C VAL A 151 -6.52 14.33 4.59
N ALA A 152 -7.34 13.53 3.91
CA ALA A 152 -7.67 13.79 2.52
C ALA A 152 -8.91 12.98 2.17
N PRO A 153 -9.74 13.47 1.24
CA PRO A 153 -11.00 12.77 0.95
C PRO A 153 -10.81 11.39 0.36
N ASN A 154 -9.69 11.16 -0.34
CA ASN A 154 -9.40 9.84 -0.91
C ASN A 154 -8.47 9.00 -0.06
N THR A 155 -8.04 9.49 1.10
CA THR A 155 -6.97 8.83 1.84
C THR A 155 -7.57 7.96 2.94
N LEU A 156 -7.20 6.69 2.94
CA LEU A 156 -7.62 5.79 4.00
C LEU A 156 -6.41 5.33 4.81
N PHE A 157 -6.67 4.78 5.99
CA PHE A 157 -5.59 4.36 6.86
C PHE A 157 -5.92 3.03 7.55
N TYR A 158 -4.86 2.26 7.78
CA TYR A 158 -4.92 0.98 8.47
C TYR A 158 -4.00 1.12 9.71
N LYS A 159 -4.60 1.14 10.90
CA LYS A 159 -3.86 1.37 12.14
C LYS A 159 -2.89 0.24 12.41
N VAL A 160 -1.66 0.59 12.73
CA VAL A 160 -0.67 -0.36 13.21
C VAL A 160 -0.71 -0.35 14.73
N LEU A 161 -0.82 -1.53 15.32
CA LEU A 161 -0.95 -1.67 16.76
C LEU A 161 0.44 -1.71 17.41
N GLU A 162 0.48 -1.94 18.73
CA GLU A 162 1.74 -2.19 19.42
C GLU A 162 2.33 -3.53 18.97
N HIS A 163 3.62 -3.72 19.25
CA HIS A 163 4.32 -4.93 18.82
C HIS A 163 3.63 -6.20 19.32
N HIS A 164 2.96 -6.91 18.41
CA HIS A 164 2.17 -8.11 18.72
C HIS A 164 1.23 -7.92 19.92
N ALA B 2 4.97 13.61 -8.54
CA ALA B 2 3.76 13.56 -7.71
C ALA B 2 4.02 12.72 -6.45
N SER B 3 3.00 11.99 -5.99
CA SER B 3 2.99 11.20 -4.74
C SER B 3 3.37 12.04 -3.51
N GLN B 4 2.36 12.44 -2.73
CA GLN B 4 2.58 13.32 -1.59
C GLN B 4 3.00 12.52 -0.36
N ARG B 5 4.15 12.86 0.21
CA ARG B 5 4.65 12.18 1.39
C ARG B 5 4.47 12.96 2.68
N LEU B 6 4.42 14.28 2.63
CA LEU B 6 4.26 15.11 3.81
C LEU B 6 2.89 15.77 3.80
N PHE B 7 2.07 15.43 4.76
CA PHE B 7 0.72 15.96 4.90
C PHE B 7 0.72 16.99 6.04
N VAL B 8 0.48 18.25 5.71
CA VAL B 8 0.38 19.32 6.70
C VAL B 8 -1.09 19.68 6.91
N LEU B 9 -1.59 19.44 8.11
CA LEU B 9 -2.98 19.71 8.44
C LEU B 9 -3.10 20.96 9.28
N ASP B 10 -4.26 21.62 9.17
CA ASP B 10 -4.61 22.65 10.13
C ASP B 10 -4.79 22.02 11.50
N ASN B 11 -4.73 22.88 12.53
CA ASN B 11 -4.63 22.37 13.90
C ASN B 11 -5.91 21.67 14.35
N GLU B 12 -7.06 22.07 13.82
CA GLU B 12 -8.32 21.38 14.14
C GLU B 12 -8.39 20.01 13.46
N ARG B 13 -7.94 19.94 12.21
CA ARG B 13 -7.94 18.64 11.52
C ARG B 13 -6.86 17.72 12.08
N TYR B 14 -5.67 18.27 12.34
CA TYR B 14 -4.60 17.51 12.97
C TYR B 14 -5.10 16.84 14.23
N ASP B 15 -5.88 17.56 15.03
CA ASP B 15 -6.33 16.99 16.29
C ASP B 15 -7.34 15.88 16.06
N SER B 16 -8.25 16.06 15.08
CA SER B 16 -9.13 14.97 14.69
C SER B 16 -8.32 13.76 14.24
N PHE B 17 -7.28 14.00 13.43
CA PHE B 17 -6.42 12.92 12.98
C PHE B 17 -5.84 12.15 14.15
N ILE B 18 -5.33 12.87 15.15
CA ILE B 18 -4.75 12.20 16.31
C ILE B 18 -5.82 11.40 17.04
N THR B 19 -7.00 11.98 17.22
CA THR B 19 -8.09 11.28 17.91
C THR B 19 -8.49 10.01 17.17
N GLN B 20 -8.65 10.10 15.85
CA GLN B 20 -9.04 8.90 15.12
C GLN B 20 -7.88 7.91 15.06
N LEU B 21 -6.64 8.41 15.01
CA LEU B 21 -5.48 7.53 15.09
C LEU B 21 -5.40 6.81 16.42
N GLU B 22 -5.78 7.48 17.50
CA GLU B 22 -5.57 6.88 18.80
C GLU B 22 -6.81 6.15 19.31
N ALA B 23 -7.94 6.27 18.62
CA ALA B 23 -9.14 5.54 18.99
C ALA B 23 -8.91 4.04 18.85
N PRO B 24 -9.75 3.22 19.49
CA PRO B 24 -9.71 1.78 19.22
C PRO B 24 -9.88 1.50 17.73
N VAL B 25 -9.32 0.38 17.29
CA VAL B 25 -9.30 0.09 15.86
C VAL B 25 -10.72 0.01 15.34
N GLN B 26 -10.93 0.59 14.16
CA GLN B 26 -12.19 0.47 13.45
C GLN B 26 -12.08 -0.55 12.33
N ASN B 27 -13.22 -0.92 11.78
CA ASN B 27 -13.31 -1.88 10.68
C ASN B 27 -12.55 -3.16 11.03
N ALA B 28 -12.78 -3.64 12.26
CA ALA B 28 -12.20 -4.91 12.67
C ALA B 28 -12.66 -6.05 11.78
N GLU B 29 -13.86 -5.92 11.21
CA GLU B 29 -14.37 -6.93 10.28
C GLU B 29 -13.46 -7.08 9.07
N GLY B 30 -13.26 -5.99 8.32
CA GLY B 30 -12.35 -6.08 7.17
C GLY B 30 -10.95 -6.45 7.56
N ARG B 31 -10.61 -6.25 8.82
CA ARG B 31 -9.27 -6.42 9.31
C ARG B 31 -9.00 -7.89 9.64
N GLU B 32 -10.02 -8.61 10.15
CA GLU B 32 -9.95 -10.06 10.27
C GLU B 32 -9.94 -10.74 8.91
N ARG B 33 -10.62 -10.13 7.94
CA ARG B 33 -10.56 -10.62 6.56
C ARG B 33 -9.12 -10.62 6.05
N LEU B 34 -8.44 -9.49 6.17
CA LEU B 34 -7.06 -9.39 5.70
C LEU B 34 -6.17 -10.41 6.41
N MET B 35 -6.30 -10.50 7.73
CA MET B 35 -5.47 -11.44 8.44
C MET B 35 -5.79 -12.88 8.06
N ALA B 36 -6.97 -13.13 7.49
CA ALA B 36 -7.32 -14.48 7.09
C ALA B 36 -6.79 -14.87 5.72
N VAL B 37 -6.30 -13.91 4.95
CA VAL B 37 -5.78 -14.19 3.61
C VAL B 37 -4.52 -15.04 3.74
N LYS B 38 -4.50 -16.17 3.04
CA LYS B 38 -3.34 -17.07 3.03
C LYS B 38 -2.83 -17.18 1.61
N PRO B 39 -1.78 -16.45 1.23
CA PRO B 39 -1.31 -16.50 -0.16
C PRO B 39 -0.65 -17.83 -0.47
N GLU B 40 -0.60 -18.14 -1.77
CA GLU B 40 0.04 -19.35 -2.25
C GLU B 40 1.14 -19.02 -3.26
N TRP B 41 2.14 -18.29 -2.80
CA TRP B 41 3.22 -17.89 -3.67
C TRP B 41 4.05 -19.09 -4.09
N LYS B 42 4.67 -18.98 -5.26
CA LYS B 42 5.53 -20.03 -5.79
C LYS B 42 7.00 -19.57 -5.87
N1A ACO C . -14.14 -3.62 -4.60
C2A ACO C . -14.57 -4.51 -3.65
N3A ACO C . -14.21 -5.80 -3.51
C4A ACO C . -13.32 -6.18 -4.44
C5A ACO C . -12.83 -5.38 -5.49
C6A ACO C . -13.25 -4.05 -5.54
N6A ACO C . -12.82 -3.16 -6.47
N7A ACO C . -11.93 -6.11 -6.28
C8A ACO C . -11.91 -7.32 -5.71
N9A ACO C . -12.78 -7.44 -4.64
C1B ACO C . -12.92 -8.65 -3.84
C2B ACO C . -13.12 -9.95 -4.63
O2B ACO C . -14.48 -10.39 -4.76
C3B ACO C . -12.47 -10.98 -3.70
O3B ACO C . -13.45 -11.43 -2.74
P3B ACO C . -13.12 -12.58 -1.71
O7A ACO C . -14.45 -13.23 -1.30
O8A ACO C . -12.14 -13.61 -2.41
O9A ACO C . -12.34 -11.96 -0.47
C4B ACO C . -11.34 -10.22 -3.00
O4B ACO C . -11.66 -8.83 -3.22
C5B ACO C . -9.97 -10.49 -3.58
O5B ACO C . -10.11 -10.26 -5.00
P1A ACO C . -8.86 -10.48 -5.96
O1A ACO C . -9.15 -11.49 -7.02
O2A ACO C . -7.65 -10.43 -5.06
O3A ACO C . -8.91 -9.10 -6.81
P2A ACO C . -8.22 -8.66 -8.17
O4A ACO C . -7.54 -9.99 -8.35
O5A ACO C . -9.21 -7.75 -8.96
O6A ACO C . -7.14 -7.57 -7.58
CBP ACO C . -7.38 -5.16 -7.46
CCP ACO C . -8.04 -6.51 -7.17
CDP ACO C . -5.97 -5.10 -6.85
CEP ACO C . -8.28 -4.03 -6.91
CAP ACO C . -7.28 -5.13 -8.98
OAP ACO C . -8.68 -5.16 -9.32
C9P ACO C . -6.69 -3.88 -9.57
O9P ACO C . -5.45 -3.73 -9.69
N8P ACO C . -7.55 -2.96 -9.99
C7P ACO C . -7.11 -1.66 -10.54
C6P ACO C . -5.94 -1.09 -9.79
C5P ACO C . -6.42 -0.32 -8.54
O5P ACO C . -7.48 0.32 -8.52
N4P ACO C . -5.67 -0.46 -7.46
C3P ACO C . -5.93 0.21 -6.18
C2P ACO C . -6.29 1.65 -6.50
S1P ACO C . -5.67 2.44 -4.97
C ACO C . -3.97 2.30 -5.18
O ACO C . -3.46 1.84 -6.17
CH3 ACO C . -3.23 2.82 -3.98
P PO4 D . -17.94 -11.99 3.46
O1 PO4 D . -19.20 -11.74 4.25
O2 PO4 D . -17.97 -13.35 2.80
O3 PO4 D . -17.84 -10.93 2.39
O4 PO4 D . -16.75 -11.92 4.39
#